data_2CWZ
#
_entry.id   2CWZ
#
_cell.length_a   109.501
_cell.length_b   114.104
_cell.length_c   49.823
_cell.angle_alpha   90.00
_cell.angle_beta   90.00
_cell.angle_gamma   90.00
#
_symmetry.space_group_name_H-M   'P 21 21 2'
#
loop_
_entity.id
_entity.type
_entity.pdbx_description
1 polymer 'thioesterase family protein'
2 non-polymer 1,2-ETHANEDIOL
3 water water
#
_entity_poly.entity_id   1
_entity_poly.type   'polypeptide(L)'
_entity_poly.pdbx_seq_one_letter_code
;(MSE)RPIPEGYEAVFETVVTPE(MSE)TVRFEELGPVHPVYATYW(MSE)VKH(MSE)ELAGRKIILPFLEEGEEGIGS
YVEARHLASALPG(MSE)RVRVVARHEKTEGNRVYARVEAYNELGDLIGVGRTEQVILPKAKVEALFRRLKERWEAERSP
S
;
_entity_poly.pdbx_strand_id   A,B,C,D
#
loop_
_chem_comp.id
_chem_comp.type
_chem_comp.name
_chem_comp.formula
EDO non-polymer 1,2-ETHANEDIOL 'C2 H6 O2'
#
# COMPACT_ATOMS: atom_id res chain seq x y z
N MSE A 1 -12.59 -1.11 5.09
CA MSE A 1 -13.60 -0.03 5.26
C MSE A 1 -14.61 -0.41 6.32
O MSE A 1 -15.06 -1.55 6.38
CB MSE A 1 -14.33 0.23 3.93
CG MSE A 1 -15.40 1.33 3.99
SE MSE A 1 -16.39 1.61 2.33
CE MSE A 1 -17.71 0.22 2.54
N ARG A 2 -14.96 0.55 7.18
CA ARG A 2 -15.96 0.29 8.22
C ARG A 2 -17.30 0.11 7.50
N PRO A 3 -18.18 -0.72 8.05
CA PRO A 3 -19.50 -0.95 7.43
C PRO A 3 -20.36 0.31 7.35
N ILE A 4 -20.90 0.59 6.16
CA ILE A 4 -21.74 1.75 5.97
C ILE A 4 -23.17 1.36 6.33
N PRO A 5 -23.84 2.17 7.16
CA PRO A 5 -25.22 1.86 7.55
C PRO A 5 -26.13 1.83 6.33
N GLU A 6 -27.09 0.91 6.32
CA GLU A 6 -28.02 0.84 5.20
C GLU A 6 -28.81 2.14 5.21
N GLY A 7 -28.95 2.77 4.05
CA GLY A 7 -29.70 4.01 3.98
C GLY A 7 -28.90 5.25 4.31
N TYR A 8 -27.62 5.09 4.63
CA TYR A 8 -26.79 6.25 4.96
C TYR A 8 -26.81 7.23 3.78
N GLU A 9 -27.05 8.51 4.07
CA GLU A 9 -27.10 9.50 3.00
C GLU A 9 -26.04 10.59 3.08
N ALA A 10 -25.66 11.07 1.90
CA ALA A 10 -24.70 12.15 1.75
C ALA A 10 -25.31 13.07 0.71
N VAL A 11 -25.08 14.37 0.85
CA VAL A 11 -25.66 15.33 -0.09
C VAL A 11 -24.64 16.30 -0.65
N PHE A 12 -24.91 16.76 -1.87
CA PHE A 12 -24.07 17.75 -2.51
C PHE A 12 -25.02 18.80 -3.04
N GLU A 13 -24.75 20.05 -2.72
CA GLU A 13 -25.59 21.14 -3.17
C GLU A 13 -24.76 22.16 -3.93
N THR A 14 -25.36 22.75 -4.95
CA THR A 14 -24.66 23.74 -5.75
C THR A 14 -25.67 24.62 -6.44
N VAL A 15 -25.17 25.56 -7.23
CA VAL A 15 -26.00 26.46 -7.99
C VAL A 15 -25.58 26.28 -9.43
N VAL A 16 -26.55 26.07 -10.31
CA VAL A 16 -26.26 25.86 -11.72
C VAL A 16 -25.62 27.11 -12.32
N THR A 17 -24.45 26.93 -12.92
CA THR A 17 -23.75 28.04 -13.55
C THR A 17 -23.80 27.85 -15.06
N PRO A 18 -23.54 28.93 -15.82
CA PRO A 18 -23.58 28.81 -17.28
C PRO A 18 -22.65 27.71 -17.80
N GLU A 19 -21.56 27.47 -17.08
CA GLU A 19 -20.59 26.45 -17.46
C GLU A 19 -21.15 25.04 -17.36
N MSE A 20 -22.28 24.90 -16.67
CA MSE A 20 -22.90 23.59 -16.48
C MSE A 20 -24.01 23.23 -17.46
O MSE A 20 -24.68 22.21 -17.29
CB MSE A 20 -23.44 23.48 -15.04
CG MSE A 20 -22.38 23.54 -13.95
SE MSE A 20 -23.16 23.49 -12.17
CE MSE A 20 -21.68 24.20 -11.15
N THR A 21 -24.21 24.04 -18.50
CA THR A 21 -25.26 23.74 -19.47
C THR A 21 -24.76 22.80 -20.57
N VAL A 22 -25.69 22.25 -21.35
CA VAL A 22 -25.34 21.32 -22.42
C VAL A 22 -24.52 21.99 -23.53
N ARG A 23 -23.23 21.66 -23.59
CA ARG A 23 -22.34 22.21 -24.60
C ARG A 23 -21.29 21.17 -24.94
N PHE A 24 -21.21 20.79 -26.22
CA PHE A 24 -20.27 19.76 -26.66
C PHE A 24 -19.12 20.26 -27.53
N GLU A 25 -18.05 19.49 -27.56
CA GLU A 25 -16.92 19.81 -28.42
C GLU A 25 -17.47 19.53 -29.82
N GLU A 26 -16.97 20.28 -30.80
CA GLU A 26 -17.41 20.13 -32.19
C GLU A 26 -18.80 20.73 -32.44
N LEU A 27 -19.80 20.29 -31.67
CA LEU A 27 -21.17 20.75 -31.85
C LEU A 27 -21.49 22.12 -31.24
N GLY A 28 -20.84 22.44 -30.11
CA GLY A 28 -21.10 23.71 -29.47
C GLY A 28 -22.30 23.67 -28.54
N PRO A 29 -22.88 24.83 -28.21
CA PRO A 29 -24.05 24.97 -27.32
C PRO A 29 -25.26 24.20 -27.86
N VAL A 30 -25.95 23.48 -26.99
CA VAL A 30 -27.13 22.73 -27.41
C VAL A 30 -28.39 23.12 -26.63
N HIS A 31 -28.31 23.05 -25.30
CA HIS A 31 -29.44 23.42 -24.44
C HIS A 31 -28.97 24.24 -23.24
N PRO A 32 -29.65 25.36 -22.96
CA PRO A 32 -29.31 26.27 -21.86
C PRO A 32 -29.77 25.78 -20.47
N VAL A 33 -29.57 24.49 -20.19
CA VAL A 33 -29.96 23.94 -18.90
C VAL A 33 -28.91 22.99 -18.35
N TYR A 34 -28.99 22.73 -17.05
CA TYR A 34 -28.10 21.82 -16.33
C TYR A 34 -27.94 20.55 -17.16
N ALA A 35 -26.70 20.26 -17.56
CA ALA A 35 -26.41 19.10 -18.39
C ALA A 35 -26.42 17.76 -17.65
N THR A 36 -26.80 16.70 -18.36
CA THR A 36 -26.86 15.38 -17.77
C THR A 36 -25.48 14.95 -17.27
N TYR A 37 -24.44 15.22 -18.04
CA TYR A 37 -23.10 14.81 -17.62
C TYR A 37 -22.62 15.59 -16.39
N TRP A 38 -23.15 16.79 -16.18
CA TRP A 38 -22.79 17.55 -14.99
C TRP A 38 -23.55 16.95 -13.80
N MSE A 39 -24.78 16.51 -14.04
CA MSE A 39 -25.56 15.90 -12.97
C MSE A 39 -24.86 14.61 -12.56
O MSE A 39 -24.79 14.28 -11.37
CB MSE A 39 -27.00 15.62 -13.44
CG MSE A 39 -27.88 15.03 -12.35
SE MSE A 39 -29.75 14.93 -12.87
CE MSE A 39 -29.62 13.53 -14.14
N VAL A 40 -24.33 13.88 -13.55
CA VAL A 40 -23.61 12.65 -13.27
C VAL A 40 -22.39 12.92 -12.41
N LYS A 41 -21.64 13.96 -12.75
CA LYS A 41 -20.46 14.32 -11.97
C LYS A 41 -20.85 14.55 -10.52
N HIS A 42 -21.93 15.28 -10.31
CA HIS A 42 -22.38 15.58 -8.96
C HIS A 42 -22.96 14.36 -8.23
N MSE A 43 -23.52 13.40 -8.96
CA MSE A 43 -24.04 12.19 -8.33
C MSE A 43 -22.84 11.37 -7.90
O MSE A 43 -22.86 10.72 -6.84
CB MSE A 43 -24.91 11.39 -9.30
CG MSE A 43 -26.17 12.13 -9.75
SE MSE A 43 -27.19 11.16 -11.08
CE MSE A 43 -28.98 11.53 -10.47
N GLU A 44 -21.77 11.39 -8.70
CA GLU A 44 -20.56 10.67 -8.34
C GLU A 44 -19.98 11.30 -7.09
N LEU A 45 -20.05 12.63 -7.04
CA LEU A 45 -19.54 13.39 -5.90
C LEU A 45 -20.31 13.05 -4.62
N ALA A 46 -21.64 13.05 -4.70
CA ALA A 46 -22.45 12.72 -3.53
C ALA A 46 -22.17 11.28 -3.10
N GLY A 47 -22.02 10.40 -4.09
CA GLY A 47 -21.73 9.01 -3.79
C GLY A 47 -20.41 8.83 -3.07
N ARG A 48 -19.40 9.60 -3.46
CA ARG A 48 -18.09 9.50 -2.81
C ARG A 48 -18.17 10.00 -1.36
N LYS A 49 -19.03 10.98 -1.11
CA LYS A 49 -19.16 11.51 0.23
C LYS A 49 -19.74 10.47 1.18
N ILE A 50 -20.30 9.40 0.61
CA ILE A 50 -20.87 8.33 1.42
C ILE A 50 -19.77 7.44 1.98
N ILE A 51 -18.76 7.12 1.16
CA ILE A 51 -17.68 6.25 1.60
C ILE A 51 -16.54 6.90 2.37
N LEU A 52 -16.29 8.19 2.14
CA LEU A 52 -15.20 8.88 2.82
C LEU A 52 -15.14 8.72 4.33
N PRO A 53 -16.28 8.85 5.03
CA PRO A 53 -16.29 8.71 6.50
C PRO A 53 -16.01 7.30 7.00
N PHE A 54 -16.01 6.33 6.09
CA PHE A 54 -15.81 4.94 6.48
C PHE A 54 -14.51 4.30 6.00
N LEU A 55 -13.81 4.96 5.09
CA LEU A 55 -12.55 4.43 4.58
C LEU A 55 -11.51 4.36 5.68
N GLU A 56 -10.85 3.22 5.78
CA GLU A 56 -9.81 3.03 6.79
C GLU A 56 -8.47 3.40 6.17
N GLU A 57 -7.50 3.76 7.00
CA GLU A 57 -6.18 4.15 6.54
C GLU A 57 -5.66 3.28 5.39
N GLY A 58 -5.18 3.94 4.34
CA GLY A 58 -4.64 3.22 3.19
C GLY A 58 -5.64 2.83 2.13
N GLU A 59 -6.93 2.98 2.41
CA GLU A 59 -7.97 2.64 1.45
C GLU A 59 -8.36 3.79 0.54
N GLU A 60 -8.88 3.44 -0.63
CA GLU A 60 -9.30 4.43 -1.61
C GLU A 60 -10.54 3.91 -2.32
N GLY A 61 -11.29 4.83 -2.93
CA GLY A 61 -12.48 4.45 -3.65
C GLY A 61 -12.38 4.94 -5.08
N ILE A 62 -12.81 4.12 -6.03
CA ILE A 62 -12.78 4.51 -7.44
C ILE A 62 -14.15 4.30 -8.06
N GLY A 63 -14.56 5.22 -8.91
CA GLY A 63 -15.85 5.11 -9.58
C GLY A 63 -15.84 3.98 -10.57
N SER A 64 -16.88 3.15 -10.54
CA SER A 64 -16.97 1.99 -11.43
C SER A 64 -18.19 2.02 -12.35
N TYR A 65 -19.29 2.56 -11.85
CA TYR A 65 -20.52 2.62 -12.63
C TYR A 65 -21.37 3.83 -12.28
N VAL A 66 -22.03 4.39 -13.28
CA VAL A 66 -22.93 5.53 -13.08
C VAL A 66 -24.12 5.35 -14.04
N GLU A 67 -25.28 5.77 -13.58
CA GLU A 67 -26.50 5.67 -14.36
C GLU A 67 -27.37 6.85 -13.96
N ALA A 68 -27.99 7.51 -14.93
CA ALA A 68 -28.85 8.65 -14.59
C ALA A 68 -29.95 8.90 -15.62
N ARG A 69 -31.16 9.11 -15.13
CA ARG A 69 -32.28 9.40 -16.01
C ARG A 69 -32.64 10.85 -15.68
N HIS A 70 -32.59 11.70 -16.70
CA HIS A 70 -32.89 13.12 -16.53
C HIS A 70 -34.39 13.33 -16.69
N LEU A 71 -35.07 13.61 -15.59
CA LEU A 71 -36.53 13.78 -15.58
C LEU A 71 -37.03 15.21 -15.74
N ALA A 72 -36.32 16.16 -15.16
CA ALA A 72 -36.72 17.57 -15.25
C ALA A 72 -35.48 18.43 -15.38
N SER A 73 -35.68 19.71 -15.64
CA SER A 73 -34.56 20.63 -15.84
C SER A 73 -34.26 21.53 -14.65
N ALA A 74 -33.06 22.11 -14.69
CA ALA A 74 -32.60 23.06 -13.68
C ALA A 74 -31.98 24.19 -14.49
N LEU A 75 -32.45 25.41 -14.27
CA LEU A 75 -31.95 26.57 -15.01
C LEU A 75 -30.76 27.22 -14.34
N PRO A 76 -29.89 27.87 -15.12
CA PRO A 76 -28.71 28.53 -14.55
C PRO A 76 -29.18 29.46 -13.43
N GLY A 77 -28.48 29.45 -12.30
CA GLY A 77 -28.87 30.30 -11.19
C GLY A 77 -29.69 29.56 -10.15
N MSE A 78 -30.29 28.45 -10.54
CA MSE A 78 -31.10 27.64 -9.62
C MSE A 78 -30.24 26.79 -8.71
O MSE A 78 -29.16 26.33 -9.11
CB MSE A 78 -32.03 26.71 -10.39
CG MSE A 78 -33.35 27.28 -10.80
SE MSE A 78 -34.51 25.84 -11.41
CE MSE A 78 -35.91 26.90 -12.22
N ARG A 79 -30.71 26.55 -7.50
CA ARG A 79 -29.98 25.69 -6.59
C ARG A 79 -30.35 24.26 -6.95
N VAL A 80 -29.42 23.34 -6.76
CA VAL A 80 -29.66 21.93 -7.03
C VAL A 80 -29.10 21.14 -5.86
N ARG A 81 -29.83 20.09 -5.46
CA ARG A 81 -29.40 19.24 -4.35
C ARG A 81 -29.39 17.79 -4.82
N VAL A 82 -28.26 17.14 -4.65
CA VAL A 82 -28.10 15.75 -5.04
C VAL A 82 -27.98 14.90 -3.79
N VAL A 83 -28.85 13.89 -3.68
CA VAL A 83 -28.85 13.01 -2.52
C VAL A 83 -28.46 11.59 -2.88
N ALA A 84 -27.40 11.10 -2.26
CA ALA A 84 -26.93 9.74 -2.49
C ALA A 84 -27.28 8.92 -1.26
N ARG A 85 -27.74 7.69 -1.48
CA ARG A 85 -28.13 6.81 -0.39
C ARG A 85 -27.47 5.45 -0.54
N HIS A 86 -26.81 4.99 0.52
CA HIS A 86 -26.16 3.69 0.48
C HIS A 86 -27.21 2.60 0.42
N GLU A 87 -27.17 1.80 -0.65
CA GLU A 87 -28.11 0.71 -0.82
C GLU A 87 -27.54 -0.55 -0.18
N LYS A 88 -26.33 -0.91 -0.60
CA LYS A 88 -25.67 -2.09 -0.07
C LYS A 88 -24.20 -2.15 -0.48
N THR A 89 -23.45 -2.98 0.22
CA THR A 89 -22.03 -3.17 -0.06
C THR A 89 -21.80 -4.67 -0.22
N GLU A 90 -21.27 -5.07 -1.38
CA GLU A 90 -20.99 -6.47 -1.64
C GLU A 90 -19.51 -6.59 -1.94
N GLY A 91 -18.80 -7.28 -1.05
CA GLY A 91 -17.37 -7.42 -1.22
C GLY A 91 -16.75 -6.04 -1.09
N ASN A 92 -16.03 -5.61 -2.12
CA ASN A 92 -15.40 -4.30 -2.09
C ASN A 92 -16.15 -3.32 -2.99
N ARG A 93 -17.41 -3.64 -3.29
CA ARG A 93 -18.23 -2.79 -4.16
C ARG A 93 -19.38 -2.13 -3.40
N VAL A 94 -19.41 -0.80 -3.44
CA VAL A 94 -20.45 -0.03 -2.75
C VAL A 94 -21.52 0.44 -3.74
N TYR A 95 -22.77 0.08 -3.47
CA TYR A 95 -23.89 0.46 -4.33
C TYR A 95 -24.67 1.61 -3.71
N ALA A 96 -24.93 2.64 -4.49
CA ALA A 96 -25.69 3.78 -3.99
C ALA A 96 -26.77 4.25 -4.96
N ARG A 97 -27.89 4.71 -4.42
CA ARG A 97 -28.98 5.24 -5.21
C ARG A 97 -28.82 6.75 -5.16
N VAL A 98 -29.20 7.45 -6.23
CA VAL A 98 -29.08 8.90 -6.24
C VAL A 98 -30.33 9.56 -6.81
N GLU A 99 -30.67 10.72 -6.25
CA GLU A 99 -31.82 11.50 -6.67
C GLU A 99 -31.40 12.96 -6.58
N ALA A 100 -31.85 13.77 -7.52
CA ALA A 100 -31.50 15.18 -7.56
C ALA A 100 -32.72 16.05 -7.70
N TYR A 101 -32.69 17.21 -7.06
CA TYR A 101 -33.82 18.13 -7.09
C TYR A 101 -33.39 19.53 -7.45
N ASN A 102 -34.27 20.30 -8.08
CA ASN A 102 -33.93 21.68 -8.39
C ASN A 102 -34.52 22.55 -7.28
N GLU A 103 -34.25 23.85 -7.35
CA GLU A 103 -34.71 24.81 -6.35
C GLU A 103 -36.21 24.77 -6.05
N LEU A 104 -37.01 24.46 -7.06
CA LEU A 104 -38.46 24.41 -6.91
C LEU A 104 -38.92 23.11 -6.27
N GLY A 105 -37.98 22.19 -6.05
CA GLY A 105 -38.32 20.92 -5.44
C GLY A 105 -38.63 19.83 -6.45
N ASP A 106 -38.55 20.14 -7.73
CA ASP A 106 -38.83 19.14 -8.77
C ASP A 106 -37.76 18.07 -8.75
N LEU A 107 -38.16 16.83 -9.02
CA LEU A 107 -37.21 15.73 -9.08
C LEU A 107 -36.62 15.84 -10.48
N ILE A 108 -35.36 16.26 -10.59
CA ILE A 108 -34.74 16.42 -11.90
C ILE A 108 -33.99 15.20 -12.40
N GLY A 109 -33.66 14.28 -11.50
CA GLY A 109 -32.93 13.09 -11.92
C GLY A 109 -32.84 11.99 -10.88
N VAL A 110 -32.76 10.76 -11.36
CA VAL A 110 -32.63 9.60 -10.50
C VAL A 110 -31.57 8.69 -11.12
N GLY A 111 -30.80 8.01 -10.29
CA GLY A 111 -29.76 7.14 -10.82
C GLY A 111 -29.17 6.21 -9.77
N ARG A 112 -28.02 5.65 -10.10
CA ARG A 112 -27.31 4.74 -9.21
C ARG A 112 -25.83 4.80 -9.54
N THR A 113 -25.00 4.47 -8.57
CA THR A 113 -23.57 4.44 -8.81
C THR A 113 -22.97 3.25 -8.10
N GLU A 114 -21.79 2.87 -8.55
CA GLU A 114 -21.06 1.76 -7.96
C GLU A 114 -19.63 2.23 -7.80
N GLN A 115 -19.05 1.98 -6.64
CA GLN A 115 -17.68 2.38 -6.36
C GLN A 115 -16.95 1.14 -5.86
N VAL A 116 -15.68 1.02 -6.21
CA VAL A 116 -14.87 -0.11 -5.78
C VAL A 116 -13.84 0.39 -4.78
N ILE A 117 -13.73 -0.31 -3.66
CA ILE A 117 -12.80 0.06 -2.60
C ILE A 117 -11.54 -0.78 -2.74
N LEU A 118 -10.38 -0.11 -2.84
CA LEU A 118 -9.10 -0.79 -2.99
C LEU A 118 -8.00 -0.03 -2.26
N PRO A 119 -6.89 -0.72 -1.95
CA PRO A 119 -5.78 -0.06 -1.27
C PRO A 119 -5.24 1.03 -2.20
N LYS A 120 -4.87 2.18 -1.66
CA LYS A 120 -4.34 3.25 -2.49
C LYS A 120 -3.14 2.76 -3.29
N ALA A 121 -2.38 1.84 -2.71
CA ALA A 121 -1.21 1.29 -3.38
C ALA A 121 -1.61 0.52 -4.63
N LYS A 122 -2.73 -0.19 -4.55
CA LYS A 122 -3.22 -0.96 -5.67
C LYS A 122 -3.68 -0.03 -6.80
N VAL A 123 -4.35 1.05 -6.43
CA VAL A 123 -4.83 2.02 -7.41
C VAL A 123 -3.64 2.64 -8.14
N GLU A 124 -2.63 3.05 -7.38
CA GLU A 124 -1.44 3.65 -7.97
C GLU A 124 -0.74 2.66 -8.89
N ALA A 125 -0.71 1.40 -8.48
CA ALA A 125 -0.06 0.35 -9.28
C ALA A 125 -0.79 0.15 -10.61
N LEU A 126 -2.11 0.25 -10.59
CA LEU A 126 -2.90 0.09 -11.80
C LEU A 126 -2.60 1.22 -12.78
N PHE A 127 -2.55 2.45 -12.28
CA PHE A 127 -2.25 3.58 -13.16
C PHE A 127 -0.80 3.52 -13.64
N ARG A 128 0.09 3.02 -12.80
CA ARG A 128 1.49 2.91 -13.15
C ARG A 128 1.70 1.89 -14.26
N ARG A 129 1.02 0.74 -14.15
CA ARG A 129 1.13 -0.29 -15.16
C ARG A 129 0.66 0.24 -16.50
N LEU A 130 -0.42 1.02 -16.49
CA LEU A 130 -0.95 1.59 -17.72
C LEU A 130 0.05 2.54 -18.36
N LYS A 131 0.70 3.36 -17.54
CA LYS A 131 1.68 4.31 -18.07
C LYS A 131 2.90 3.58 -18.64
N GLU A 132 3.31 2.48 -18.00
CA GLU A 132 4.46 1.72 -18.48
C GLU A 132 4.14 1.09 -19.84
N ARG A 133 2.89 0.66 -20.03
CA ARG A 133 2.48 0.07 -21.30
C ARG A 133 2.48 1.15 -22.39
N TRP A 134 2.06 2.35 -22.02
CA TRP A 134 2.03 3.46 -22.97
C TRP A 134 3.47 3.78 -23.38
N GLU A 135 4.36 3.87 -22.40
CA GLU A 135 5.77 4.17 -22.67
C GLU A 135 6.40 3.10 -23.56
N ALA A 136 5.95 1.86 -23.41
CA ALA A 136 6.47 0.75 -24.19
C ALA A 136 6.23 0.93 -25.69
N GLU A 137 5.33 1.83 -26.05
CA GLU A 137 5.05 2.08 -27.46
C GLU A 137 6.20 2.86 -28.09
N ARG A 138 7.07 3.41 -27.23
CA ARG A 138 8.24 4.17 -27.68
C ARG A 138 9.54 3.60 -27.12
N MSE B 1 -38.52 12.64 -37.71
CA MSE B 1 -37.12 12.19 -37.92
C MSE B 1 -37.10 10.99 -38.88
O MSE B 1 -37.89 10.08 -38.74
CB MSE B 1 -36.48 11.79 -36.59
CG MSE B 1 -35.07 11.24 -36.71
SE MSE B 1 -34.33 10.56 -35.05
CE MSE B 1 -35.18 8.83 -35.04
N ARG B 2 -36.18 11.03 -39.84
CA ARG B 2 -36.06 9.92 -40.77
C ARG B 2 -35.59 8.70 -40.00
N PRO B 3 -35.95 7.49 -40.47
CA PRO B 3 -35.54 6.26 -39.77
C PRO B 3 -34.04 6.02 -39.75
N ILE B 4 -33.49 5.85 -38.56
CA ILE B 4 -32.07 5.59 -38.38
C ILE B 4 -31.78 4.13 -38.63
N PRO B 5 -30.81 3.82 -39.52
CA PRO B 5 -30.47 2.43 -39.81
C PRO B 5 -30.01 1.70 -38.55
N GLU B 6 -30.33 0.42 -38.46
CA GLU B 6 -29.91 -0.34 -37.29
C GLU B 6 -28.39 -0.43 -37.30
N GLY B 7 -27.77 -0.15 -36.16
CA GLY B 7 -26.33 -0.22 -36.07
C GLY B 7 -25.59 1.01 -36.59
N TYR B 8 -26.33 2.04 -37.00
CA TYR B 8 -25.71 3.27 -37.50
C TYR B 8 -24.69 3.73 -36.48
N GLU B 9 -23.47 4.00 -36.93
CA GLU B 9 -22.39 4.39 -36.04
C GLU B 9 -21.84 5.81 -36.17
N ALA B 10 -21.62 6.45 -35.03
CA ALA B 10 -21.07 7.79 -34.98
C ALA B 10 -19.94 7.72 -33.97
N VAL B 11 -18.86 8.46 -34.22
CA VAL B 11 -17.73 8.43 -33.31
C VAL B 11 -17.25 9.81 -32.89
N PHE B 12 -16.65 9.87 -31.70
CA PHE B 12 -16.08 11.09 -31.17
C PHE B 12 -14.67 10.74 -30.71
N GLU B 13 -13.69 11.46 -31.23
CA GLU B 13 -12.31 11.22 -30.85
C GLU B 13 -11.76 12.46 -30.17
N THR B 14 -10.98 12.24 -29.12
CA THR B 14 -10.39 13.35 -28.39
C THR B 14 -9.08 12.88 -27.76
N VAL B 15 -8.45 13.77 -27.02
CA VAL B 15 -7.23 13.45 -26.32
C VAL B 15 -7.47 13.96 -24.91
N VAL B 16 -7.22 13.11 -23.93
CA VAL B 16 -7.45 13.47 -22.53
C VAL B 16 -6.61 14.68 -22.12
N THR B 17 -7.29 15.76 -21.74
CA THR B 17 -6.61 16.97 -21.30
C THR B 17 -6.59 16.96 -19.78
N PRO B 18 -5.70 17.75 -19.17
CA PRO B 18 -5.58 17.81 -17.71
C PRO B 18 -6.91 18.12 -17.02
N GLU B 19 -7.74 18.89 -17.70
CA GLU B 19 -9.05 19.29 -17.17
C GLU B 19 -10.06 18.14 -17.15
N MSE B 20 -9.75 17.03 -17.82
CA MSE B 20 -10.65 15.89 -17.86
C MSE B 20 -10.43 14.82 -16.80
O MSE B 20 -11.08 13.76 -16.83
CB MSE B 20 -10.59 15.22 -19.24
CG MSE B 20 -11.07 16.11 -20.38
SE MSE B 20 -10.94 15.19 -22.06
CE MSE B 20 -11.39 16.65 -23.26
N THR B 21 -9.54 15.06 -15.84
CA THR B 21 -9.29 14.08 -14.79
C THR B 21 -10.30 14.22 -13.65
N VAL B 22 -10.39 13.19 -12.82
CA VAL B 22 -11.34 13.18 -11.70
C VAL B 22 -11.04 14.29 -10.68
N ARG B 23 -11.87 15.32 -10.68
CA ARG B 23 -11.71 16.46 -9.78
C ARG B 23 -13.10 16.97 -9.41
N PHE B 24 -13.40 17.02 -8.12
CA PHE B 24 -14.72 17.47 -7.67
C PHE B 24 -14.71 18.76 -6.89
N GLU B 25 -15.87 19.39 -6.82
CA GLU B 25 -16.03 20.62 -6.04
C GLU B 25 -15.96 20.10 -4.61
N GLU B 26 -15.44 20.91 -3.69
CA GLU B 26 -15.32 20.51 -2.29
C GLU B 26 -14.17 19.54 -2.01
N LEU B 27 -14.14 18.43 -2.74
CA LEU B 27 -13.12 17.40 -2.54
C LEU B 27 -11.79 17.66 -3.24
N GLY B 28 -11.82 18.32 -4.39
CA GLY B 28 -10.59 18.60 -5.12
C GLY B 28 -10.17 17.42 -5.99
N PRO B 29 -8.89 17.39 -6.42
CA PRO B 29 -8.36 16.30 -7.25
C PRO B 29 -8.48 14.95 -6.56
N VAL B 30 -8.90 13.94 -7.31
CA VAL B 30 -9.07 12.59 -6.76
C VAL B 30 -8.20 11.55 -7.46
N HIS B 31 -8.34 11.46 -8.78
CA HIS B 31 -7.57 10.51 -9.59
C HIS B 31 -7.07 11.18 -10.86
N PRO B 32 -5.79 10.99 -11.20
CA PRO B 32 -5.18 11.59 -12.39
C PRO B 32 -5.48 10.83 -13.69
N VAL B 33 -6.75 10.48 -13.88
CA VAL B 33 -7.17 9.78 -15.09
C VAL B 33 -8.50 10.34 -15.62
N TYR B 34 -8.79 10.02 -16.88
CA TYR B 34 -10.02 10.43 -17.57
C TYR B 34 -11.21 10.09 -16.67
N ALA B 35 -11.99 11.12 -16.31
CA ALA B 35 -13.13 10.93 -15.41
C ALA B 35 -14.35 10.26 -16.05
N THR B 36 -15.08 9.51 -15.24
CA THR B 36 -16.26 8.82 -15.72
C THR B 36 -17.28 9.82 -16.27
N TYR B 37 -17.45 10.95 -15.59
CA TYR B 37 -18.41 11.94 -16.04
C TYR B 37 -18.00 12.61 -17.34
N TRP B 38 -16.70 12.62 -17.63
CA TRP B 38 -16.23 13.19 -18.90
C TRP B 38 -16.51 12.15 -19.98
N MSE B 39 -16.34 10.88 -19.63
CA MSE B 39 -16.60 9.81 -20.59
C MSE B 39 -18.09 9.85 -20.93
O MSE B 39 -18.48 9.66 -22.08
CB MSE B 39 -16.24 8.45 -20.00
CG MSE B 39 -16.44 7.29 -20.98
SE MSE B 39 -15.75 5.61 -20.30
CE MSE B 39 -17.07 5.26 -19.01
N VAL B 40 -18.92 10.11 -19.94
CA VAL B 40 -20.36 10.20 -20.14
C VAL B 40 -20.70 11.35 -21.08
N LYS B 41 -20.04 12.49 -20.89
CA LYS B 41 -20.30 13.63 -21.75
C LYS B 41 -19.98 13.26 -23.20
N HIS B 42 -18.85 12.58 -23.40
CA HIS B 42 -18.45 12.19 -24.74
C HIS B 42 -19.31 11.09 -25.34
N MSE B 43 -19.89 10.26 -24.49
CA MSE B 43 -20.78 9.20 -24.98
C MSE B 43 -22.07 9.87 -25.45
O MSE B 43 -22.66 9.46 -26.46
CB MSE B 43 -21.10 8.18 -23.88
CG MSE B 43 -19.91 7.30 -23.49
SE MSE B 43 -20.37 5.95 -22.17
CE MSE B 43 -19.12 4.57 -22.68
N GLU B 44 -22.50 10.91 -24.75
CA GLU B 44 -23.71 11.64 -25.14
C GLU B 44 -23.44 12.33 -26.47
N LEU B 45 -22.24 12.89 -26.60
CA LEU B 45 -21.84 13.58 -27.81
C LEU B 45 -21.84 12.63 -29.01
N ALA B 46 -21.26 11.44 -28.82
CA ALA B 46 -21.22 10.45 -29.90
C ALA B 46 -22.66 10.04 -30.25
N GLY B 47 -23.49 9.89 -29.22
CA GLY B 47 -24.87 9.52 -29.45
C GLY B 47 -25.64 10.58 -30.21
N ARG B 48 -25.36 11.85 -29.94
CA ARG B 48 -26.05 12.94 -30.62
C ARG B 48 -25.68 12.98 -32.10
N LYS B 49 -24.45 12.59 -32.42
CA LYS B 49 -24.00 12.58 -33.81
C LYS B 49 -24.77 11.53 -34.61
N ILE B 50 -25.40 10.59 -33.91
CA ILE B 50 -26.18 9.56 -34.59
C ILE B 50 -27.50 10.15 -35.11
N ILE B 51 -28.13 11.02 -34.32
CA ILE B 51 -29.42 11.59 -34.73
C ILE B 51 -29.40 12.83 -35.62
N LEU B 52 -28.34 13.62 -35.55
CA LEU B 52 -28.28 14.84 -36.36
C LEU B 52 -28.56 14.65 -37.86
N PRO B 53 -27.98 13.61 -38.48
CA PRO B 53 -28.23 13.41 -39.92
C PRO B 53 -29.68 13.11 -40.27
N PHE B 54 -30.46 12.68 -39.28
CA PHE B 54 -31.84 12.30 -39.51
C PHE B 54 -32.92 13.27 -39.04
N LEU B 55 -32.54 14.26 -38.24
CA LEU B 55 -33.50 15.23 -37.74
C LEU B 55 -34.18 16.00 -38.85
N GLU B 56 -35.50 16.09 -38.78
CA GLU B 56 -36.27 16.81 -39.79
C GLU B 56 -36.50 18.25 -39.32
N GLU B 57 -37.04 19.07 -40.22
CA GLU B 57 -37.29 20.48 -39.92
C GLU B 57 -37.94 20.77 -38.57
N GLY B 58 -37.33 21.68 -37.82
CA GLY B 58 -37.86 22.07 -36.52
C GLY B 58 -37.70 21.05 -35.39
N GLU B 59 -36.98 19.96 -35.65
CA GLU B 59 -36.79 18.95 -34.62
C GLU B 59 -35.51 19.16 -33.82
N GLU B 60 -35.52 18.66 -32.59
CA GLU B 60 -34.38 18.77 -31.70
C GLU B 60 -34.28 17.51 -30.86
N GLY B 61 -33.07 17.22 -30.38
CA GLY B 61 -32.87 16.05 -29.56
C GLY B 61 -32.40 16.47 -28.18
N ILE B 62 -32.89 15.79 -27.14
CA ILE B 62 -32.51 16.11 -25.78
C ILE B 62 -32.09 14.83 -25.08
N GLY B 63 -31.02 14.91 -24.29
CA GLY B 63 -30.54 13.75 -23.55
C GLY B 63 -31.52 13.38 -22.46
N SER B 64 -31.88 12.11 -22.39
CA SER B 64 -32.84 11.64 -21.39
C SER B 64 -32.28 10.60 -20.43
N TYR B 65 -31.29 9.84 -20.88
CA TYR B 65 -30.70 8.81 -20.04
C TYR B 65 -29.30 8.43 -20.46
N VAL B 66 -28.47 8.08 -19.48
CA VAL B 66 -27.12 7.65 -19.75
C VAL B 66 -26.65 6.70 -18.65
N GLU B 67 -25.82 5.74 -19.02
CA GLU B 67 -25.26 4.80 -18.07
C GLU B 67 -23.89 4.47 -18.62
N ALA B 68 -22.93 4.25 -17.73
CA ALA B 68 -21.58 3.94 -18.16
C ALA B 68 -20.84 3.14 -17.11
N ARG B 69 -20.16 2.10 -17.55
CA ARG B 69 -19.38 1.28 -16.64
C ARG B 69 -17.92 1.54 -17.04
N HIS B 70 -17.14 2.00 -16.08
CA HIS B 70 -15.73 2.32 -16.31
C HIS B 70 -14.91 1.05 -16.09
N LEU B 71 -14.39 0.50 -17.18
CA LEU B 71 -13.63 -0.74 -17.14
C LEU B 71 -12.11 -0.60 -17.00
N ALA B 72 -11.54 0.36 -17.72
CA ALA B 72 -10.11 0.59 -17.67
C ALA B 72 -9.90 2.10 -17.73
N SER B 73 -8.65 2.55 -17.58
CA SER B 73 -8.38 3.98 -17.58
C SER B 73 -7.69 4.55 -18.80
N ALA B 74 -7.75 5.88 -18.90
CA ALA B 74 -7.11 6.63 -19.97
C ALA B 74 -6.35 7.74 -19.25
N LEU B 75 -5.04 7.81 -19.49
CA LEU B 75 -4.20 8.82 -18.85
C LEU B 75 -4.22 10.14 -19.60
N PRO B 76 -3.91 11.24 -18.90
CA PRO B 76 -3.88 12.54 -19.57
C PRO B 76 -2.88 12.42 -20.73
N GLY B 77 -3.23 12.99 -21.88
CA GLY B 77 -2.34 12.92 -23.02
C GLY B 77 -2.67 11.79 -23.99
N MSE B 78 -3.44 10.82 -23.52
CA MSE B 78 -3.83 9.68 -24.36
C MSE B 78 -5.01 9.98 -25.26
O MSE B 78 -5.92 10.72 -24.89
CB MSE B 78 -4.23 8.48 -23.50
CG MSE B 78 -3.10 7.68 -22.92
SE MSE B 78 -3.83 6.02 -22.24
CE MSE B 78 -2.17 5.22 -21.66
N ARG B 79 -5.00 9.38 -26.44
CA ARG B 79 -6.11 9.54 -27.36
C ARG B 79 -7.24 8.67 -26.83
N VAL B 80 -8.48 9.09 -27.05
CA VAL B 80 -9.65 8.32 -26.63
C VAL B 80 -10.63 8.32 -27.79
N ARG B 81 -11.21 7.16 -28.06
CA ARG B 81 -12.18 7.01 -29.15
C ARG B 81 -13.49 6.47 -28.59
N VAL B 82 -14.57 7.22 -28.81
CA VAL B 82 -15.89 6.83 -28.32
C VAL B 82 -16.76 6.47 -29.50
N VAL B 83 -17.30 5.24 -29.49
CA VAL B 83 -18.13 4.76 -30.59
C VAL B 83 -19.57 4.46 -30.17
N ALA B 84 -20.51 5.21 -30.73
CA ALA B 84 -21.93 5.02 -30.43
C ALA B 84 -22.60 4.36 -31.61
N ARG B 85 -23.48 3.40 -31.33
CA ARG B 85 -24.19 2.70 -32.39
C ARG B 85 -25.68 2.66 -32.10
N HIS B 86 -26.49 2.99 -33.10
CA HIS B 86 -27.93 2.99 -32.95
C HIS B 86 -28.45 1.59 -32.63
N GLU B 87 -29.10 1.44 -31.49
CA GLU B 87 -29.65 0.17 -31.07
C GLU B 87 -31.08 0.02 -31.60
N LYS B 88 -31.91 1.01 -31.30
CA LYS B 88 -33.30 1.00 -31.74
C LYS B 88 -33.95 2.34 -31.46
N THR B 89 -35.11 2.56 -32.08
CA THR B 89 -35.87 3.79 -31.88
C THR B 89 -37.30 3.40 -31.51
N GLU B 90 -37.76 3.89 -30.37
CA GLU B 90 -39.11 3.62 -29.85
C GLU B 90 -39.87 4.93 -29.83
N GLY B 91 -40.80 5.11 -30.75
CA GLY B 91 -41.54 6.35 -30.79
C GLY B 91 -40.58 7.49 -31.07
N ASN B 92 -40.49 8.45 -30.14
CA ASN B 92 -39.59 9.58 -30.31
C ASN B 92 -38.33 9.42 -29.45
N ARG B 93 -38.02 8.19 -29.09
CA ARG B 93 -36.85 7.93 -28.24
C ARG B 93 -35.81 7.06 -28.95
N VAL B 94 -34.60 7.59 -29.08
CA VAL B 94 -33.50 6.89 -29.73
C VAL B 94 -32.54 6.26 -28.73
N TYR B 95 -32.32 4.96 -28.87
CA TYR B 95 -31.43 4.20 -27.99
C TYR B 95 -30.11 3.89 -28.68
N ALA B 96 -29.00 4.14 -27.97
CA ALA B 96 -27.68 3.89 -28.53
C ALA B 96 -26.79 3.17 -27.52
N ARG B 97 -25.95 2.26 -28.03
CA ARG B 97 -25.02 1.54 -27.19
C ARG B 97 -23.68 2.18 -27.48
N VAL B 98 -22.87 2.40 -26.46
CA VAL B 98 -21.59 3.06 -26.67
C VAL B 98 -20.41 2.34 -26.04
N GLU B 99 -19.25 2.47 -26.68
CA GLU B 99 -18.02 1.88 -26.19
C GLU B 99 -16.91 2.93 -26.30
N ALA B 100 -16.00 2.93 -25.34
CA ALA B 100 -14.90 3.88 -25.36
C ALA B 100 -13.58 3.11 -25.26
N TYR B 101 -12.58 3.54 -26.02
CA TYR B 101 -11.27 2.90 -26.03
C TYR B 101 -10.17 3.93 -25.82
N ASN B 102 -9.07 3.51 -25.18
CA ASN B 102 -7.95 4.42 -25.00
C ASN B 102 -6.95 4.22 -26.15
N GLU B 103 -5.87 5.00 -26.13
CA GLU B 103 -4.86 4.95 -27.18
C GLU B 103 -4.26 3.57 -27.45
N LEU B 104 -4.16 2.75 -26.41
CA LEU B 104 -3.58 1.41 -26.54
C LEU B 104 -4.59 0.38 -27.03
N GLY B 105 -5.82 0.83 -27.26
CA GLY B 105 -6.86 -0.07 -27.74
C GLY B 105 -7.64 -0.75 -26.62
N ASP B 106 -7.35 -0.42 -25.37
CA ASP B 106 -8.07 -1.02 -24.25
C ASP B 106 -9.50 -0.52 -24.22
N LEU B 107 -10.45 -1.40 -23.88
CA LEU B 107 -11.85 -0.99 -23.77
C LEU B 107 -11.93 -0.34 -22.40
N ILE B 108 -12.13 0.98 -22.36
CA ILE B 108 -12.20 1.65 -21.07
C ILE B 108 -13.61 1.87 -20.54
N GLY B 109 -14.59 1.69 -21.40
CA GLY B 109 -15.96 1.88 -20.95
C GLY B 109 -17.03 1.38 -21.90
N VAL B 110 -18.17 1.01 -21.32
CA VAL B 110 -19.31 0.55 -22.09
C VAL B 110 -20.53 1.25 -21.49
N GLY B 111 -21.44 1.69 -22.35
CA GLY B 111 -22.62 2.37 -21.85
C GLY B 111 -23.78 2.40 -22.82
N ARG B 112 -24.81 3.14 -22.45
CA ARG B 112 -26.01 3.27 -23.26
C ARG B 112 -26.59 4.65 -23.03
N THR B 113 -27.25 5.19 -24.04
CA THR B 113 -27.87 6.49 -23.89
C THR B 113 -29.26 6.48 -24.51
N GLU B 114 -30.07 7.46 -24.12
CA GLU B 114 -31.42 7.62 -24.63
C GLU B 114 -31.57 9.09 -24.94
N GLN B 115 -32.12 9.40 -26.11
CA GLN B 115 -32.34 10.78 -26.50
C GLN B 115 -33.79 10.87 -26.94
N VAL B 116 -34.44 11.97 -26.60
CA VAL B 116 -35.84 12.16 -26.99
C VAL B 116 -35.90 13.22 -28.07
N ILE B 117 -36.66 12.93 -29.12
CA ILE B 117 -36.82 13.85 -30.24
C ILE B 117 -38.09 14.66 -30.07
N LEU B 118 -37.96 15.98 -30.04
CA LEU B 118 -39.11 16.86 -29.86
C LEU B 118 -38.97 18.13 -30.71
N PRO B 119 -40.09 18.78 -31.02
CA PRO B 119 -40.04 19.99 -31.82
C PRO B 119 -39.29 21.05 -31.01
N LYS B 120 -38.42 21.80 -31.67
CA LYS B 120 -37.65 22.83 -30.97
C LYS B 120 -38.58 23.75 -30.19
N ALA B 121 -39.77 23.99 -30.74
CA ALA B 121 -40.76 24.86 -30.08
C ALA B 121 -41.19 24.24 -28.75
N LYS B 122 -41.39 22.94 -28.74
CA LYS B 122 -41.80 22.23 -27.53
C LYS B 122 -40.72 22.33 -26.46
N VAL B 123 -39.47 22.16 -26.88
CA VAL B 123 -38.34 22.25 -25.95
C VAL B 123 -38.29 23.63 -25.33
N GLU B 124 -38.37 24.65 -26.18
CA GLU B 124 -38.35 26.03 -25.72
C GLU B 124 -39.50 26.30 -24.75
N ALA B 125 -40.66 25.73 -25.06
CA ALA B 125 -41.84 25.90 -24.21
C ALA B 125 -41.63 25.30 -22.83
N LEU B 126 -40.95 24.16 -22.76
CA LEU B 126 -40.68 23.51 -21.49
C LEU B 126 -39.76 24.34 -20.62
N PHE B 127 -38.68 24.87 -21.20
CA PHE B 127 -37.75 25.69 -20.46
C PHE B 127 -38.43 27.00 -20.07
N ARG B 128 -39.30 27.48 -20.94
CA ARG B 128 -40.03 28.73 -20.71
C ARG B 128 -40.93 28.58 -19.49
N ARG B 129 -41.68 27.49 -19.45
CA ARG B 129 -42.58 27.24 -18.33
C ARG B 129 -41.86 27.10 -17.00
N LEU B 130 -40.68 26.48 -17.02
CA LEU B 130 -39.89 26.30 -15.81
C LEU B 130 -39.43 27.67 -15.30
N LYS B 131 -39.07 28.55 -16.23
CA LYS B 131 -38.62 29.89 -15.87
C LYS B 131 -39.76 30.68 -15.22
N GLU B 132 -40.95 30.53 -15.79
CA GLU B 132 -42.12 31.24 -15.26
C GLU B 132 -42.40 30.81 -13.82
N ARG B 133 -42.36 29.51 -13.57
CA ARG B 133 -42.61 28.99 -12.23
C ARG B 133 -41.58 29.52 -11.25
N TRP B 134 -40.33 29.61 -11.69
CA TRP B 134 -39.25 30.10 -10.84
C TRP B 134 -39.48 31.57 -10.50
N GLU B 135 -39.88 32.36 -11.49
CA GLU B 135 -40.13 33.78 -11.29
C GLU B 135 -41.33 33.97 -10.36
N ALA B 136 -42.29 33.05 -10.44
CA ALA B 136 -43.49 33.12 -9.60
C ALA B 136 -43.15 32.98 -8.12
N GLU B 137 -41.91 32.59 -7.84
CA GLU B 137 -41.45 32.44 -6.46
C GLU B 137 -40.98 33.77 -5.90
N MSE C 1 32.24 -23.55 38.10
CA MSE C 1 31.21 -22.50 38.33
C MSE C 1 30.22 -22.94 39.40
O MSE C 1 29.81 -24.11 39.42
CB MSE C 1 30.45 -22.20 37.02
CG MSE C 1 29.36 -21.14 37.15
SE MSE C 1 28.32 -20.88 35.53
CE MSE C 1 27.08 -22.35 35.74
N ARG C 2 29.87 -22.03 40.31
CA ARG C 2 28.91 -22.35 41.36
C ARG C 2 27.56 -22.52 40.67
N PRO C 3 26.70 -23.40 41.22
CA PRO C 3 25.38 -23.62 40.62
C PRO C 3 24.50 -22.37 40.58
N ILE C 4 23.93 -22.10 39.42
CA ILE C 4 23.05 -20.94 39.25
C ILE C 4 21.63 -21.37 39.61
N PRO C 5 20.96 -20.60 40.49
CA PRO C 5 19.60 -20.96 40.89
C PRO C 5 18.67 -20.95 39.68
N GLU C 6 17.72 -21.89 39.66
CA GLU C 6 16.77 -21.95 38.56
C GLU C 6 15.96 -20.67 38.59
N GLY C 7 15.81 -20.03 37.44
CA GLY C 7 15.04 -18.80 37.38
C GLY C 7 15.82 -17.55 37.75
N TYR C 8 17.10 -17.69 38.06
CA TYR C 8 17.92 -16.52 38.40
C TYR C 8 17.83 -15.53 37.25
N GLU C 9 17.56 -14.26 37.54
CA GLU C 9 17.46 -13.26 36.48
C GLU C 9 18.48 -12.13 36.56
N ALA C 10 18.84 -11.63 35.38
CA ALA C 10 19.78 -10.52 35.24
C ALA C 10 19.13 -9.60 34.23
N VAL C 11 19.35 -8.30 34.38
CA VAL C 11 18.74 -7.33 33.49
C VAL C 11 19.71 -6.32 32.89
N PHE C 12 19.40 -5.89 31.67
CA PHE C 12 20.20 -4.88 31.01
C PHE C 12 19.23 -3.84 30.51
N GLU C 13 19.48 -2.58 30.85
CA GLU C 13 18.60 -1.50 30.43
C GLU C 13 19.41 -0.46 29.70
N THR C 14 18.79 0.15 28.68
CA THR C 14 19.47 1.16 27.90
C THR C 14 18.44 2.02 27.20
N VAL C 15 18.92 3.00 26.44
CA VAL C 15 18.07 3.89 25.69
C VAL C 15 18.48 3.71 24.23
N VAL C 16 17.50 3.51 23.36
CA VAL C 16 17.80 3.32 21.95
C VAL C 16 18.41 4.59 21.37
N THR C 17 19.57 4.44 20.73
CA THR C 17 20.25 5.58 20.12
C THR C 17 20.19 5.41 18.60
N PRO C 18 20.40 6.50 17.85
CA PRO C 18 20.36 6.40 16.39
C PRO C 18 21.30 5.33 15.83
N GLU C 19 22.40 5.09 16.54
CA GLU C 19 23.38 4.10 16.11
C GLU C 19 22.85 2.67 16.23
N MSE C 20 21.72 2.51 16.91
CA MSE C 20 21.13 1.19 17.11
C MSE C 20 20.03 0.81 16.11
O MSE C 20 19.42 -0.25 16.26
CB MSE C 20 20.58 1.07 18.53
CG MSE C 20 21.64 1.20 19.64
SE MSE C 20 20.87 1.03 21.41
CE MSE C 20 22.36 1.63 22.48
N THR C 21 19.78 1.65 15.11
CA THR C 21 18.74 1.37 14.13
C THR C 21 19.23 0.43 13.02
N VAL C 22 18.29 -0.13 12.24
CA VAL C 22 18.64 -1.05 11.17
C VAL C 22 19.43 -0.37 10.04
N ARG C 23 20.72 -0.69 9.97
CA ARG C 23 21.60 -0.12 8.95
C ARG C 23 22.67 -1.14 8.58
N PHE C 24 22.73 -1.50 7.31
CA PHE C 24 23.69 -2.50 6.85
C PHE C 24 24.81 -1.95 5.99
N GLU C 25 25.89 -2.73 5.90
CA GLU C 25 27.02 -2.35 5.05
C GLU C 25 26.46 -2.62 3.66
N GLU C 26 26.92 -1.87 2.66
CA GLU C 26 26.46 -2.05 1.28
C GLU C 26 25.06 -1.47 1.03
N LEU C 27 24.08 -1.88 1.83
CA LEU C 27 22.71 -1.43 1.67
C LEU C 27 22.36 -0.08 2.31
N GLY C 28 23.01 0.25 3.41
CA GLY C 28 22.74 1.51 4.08
C GLY C 28 21.57 1.42 5.04
N PRO C 29 21.00 2.55 5.47
CA PRO C 29 19.87 2.55 6.40
C PRO C 29 18.63 1.87 5.82
N VAL C 30 17.94 1.10 6.65
CA VAL C 30 16.75 0.39 6.23
C VAL C 30 15.51 0.78 7.03
N HIS C 31 15.59 0.65 8.35
CA HIS C 31 14.46 1.00 9.22
C HIS C 31 14.92 1.82 10.42
N PRO C 32 14.21 2.92 10.74
CA PRO C 32 14.54 3.81 11.86
C PRO C 32 14.13 3.29 13.24
N VAL C 33 14.36 2.00 13.50
CA VAL C 33 14.01 1.41 14.78
C VAL C 33 15.11 0.49 15.29
N TYR C 34 15.06 0.20 16.59
CA TYR C 34 16.00 -0.68 17.27
C TYR C 34 16.17 -1.96 16.46
N ALA C 35 17.38 -2.21 15.99
CA ALA C 35 17.70 -3.37 15.15
C ALA C 35 17.71 -4.70 15.88
N THR C 36 17.35 -5.75 15.15
CA THR C 36 17.32 -7.10 15.70
C THR C 36 18.71 -7.51 16.20
N TYR C 37 19.75 -7.21 15.42
CA TYR C 37 21.10 -7.58 15.85
C TYR C 37 21.57 -6.80 17.08
N TRP C 38 20.99 -5.63 17.32
CA TRP C 38 21.36 -4.89 18.52
C TRP C 38 20.63 -5.51 19.71
N MSE C 39 19.40 -5.95 19.47
CA MSE C 39 18.63 -6.60 20.54
C MSE C 39 19.35 -7.89 20.93
O MSE C 39 19.43 -8.24 22.10
CB MSE C 39 17.20 -6.90 20.06
CG MSE C 39 16.32 -7.51 21.14
SE MSE C 39 14.46 -7.63 20.61
CE MSE C 39 14.62 -9.04 19.37
N VAL C 40 19.89 -8.58 19.92
CA VAL C 40 20.62 -9.83 20.17
C VAL C 40 21.88 -9.56 21.00
N LYS C 41 22.57 -8.47 20.70
CA LYS C 41 23.77 -8.10 21.47
C LYS C 41 23.39 -7.91 22.94
N HIS C 42 22.30 -7.18 23.18
CA HIS C 42 21.86 -6.92 24.54
C HIS C 42 21.31 -8.14 25.26
N MSE C 43 20.81 -9.13 24.50
CA MSE C 43 20.30 -10.35 25.09
C MSE C 43 21.52 -11.18 25.52
O MSE C 43 21.50 -11.83 26.57
CB MSE C 43 19.44 -11.14 24.09
CG MSE C 43 18.13 -10.46 23.73
SE MSE C 43 17.10 -11.47 22.43
CE MSE C 43 15.31 -10.98 22.96
N GLU C 44 22.57 -11.16 24.71
CA GLU C 44 23.79 -11.87 25.06
C GLU C 44 24.38 -11.22 26.31
N LEU C 45 24.30 -9.89 26.36
CA LEU C 45 24.82 -9.13 27.50
C LEU C 45 24.08 -9.50 28.78
N ALA C 46 22.75 -9.49 28.73
CA ALA C 46 21.95 -9.83 29.89
C ALA C 46 22.25 -11.27 30.31
N GLY C 47 22.42 -12.13 29.32
CA GLY C 47 22.72 -13.53 29.59
C GLY C 47 24.05 -13.69 30.29
N ARG C 48 25.05 -12.91 29.89
CA ARG C 48 26.37 -12.99 30.52
C ARG C 48 26.29 -12.52 31.97
N LYS C 49 25.45 -11.52 32.23
CA LYS C 49 25.31 -11.02 33.61
C LYS C 49 24.79 -12.10 34.55
N ILE C 50 24.20 -13.15 33.98
CA ILE C 50 23.68 -14.25 34.78
C ILE C 50 24.81 -15.13 35.30
N ILE C 51 25.82 -15.39 34.47
CA ILE C 51 26.93 -16.25 34.89
C ILE C 51 28.06 -15.59 35.66
N LEU C 52 28.27 -14.29 35.44
CA LEU C 52 29.35 -13.58 36.12
C LEU C 52 29.45 -13.78 37.64
N PRO C 53 28.32 -13.70 38.36
CA PRO C 53 28.34 -13.88 39.82
C PRO C 53 28.68 -15.30 40.28
N PHE C 54 28.65 -16.25 39.35
CA PHE C 54 28.91 -17.64 39.70
C PHE C 54 30.22 -18.21 39.18
N LEU C 55 30.87 -17.49 38.27
CA LEU C 55 32.14 -17.95 37.71
C LEU C 55 33.23 -17.98 38.77
N GLU C 56 34.00 -19.06 38.78
CA GLU C 56 35.08 -19.20 39.74
C GLU C 56 36.37 -18.65 39.14
N GLU C 57 37.37 -18.46 39.98
CA GLU C 57 38.65 -17.94 39.54
C GLU C 57 39.18 -18.75 38.37
N GLY C 58 39.56 -18.06 37.30
CA GLY C 58 40.09 -18.75 36.13
C GLY C 58 39.07 -19.25 35.14
N GLU C 59 37.78 -19.11 35.46
CA GLU C 59 36.72 -19.56 34.57
C GLU C 59 36.26 -18.43 33.65
N GLU C 60 35.73 -18.81 32.50
CA GLU C 60 35.26 -17.84 31.53
C GLU C 60 34.04 -18.39 30.80
N GLY C 61 33.25 -17.49 30.22
CA GLY C 61 32.07 -17.91 29.50
C GLY C 61 32.14 -17.39 28.07
N ILE C 62 31.73 -18.21 27.11
CA ILE C 62 31.73 -17.79 25.71
C ILE C 62 30.35 -18.03 25.09
N GLY C 63 29.92 -17.10 24.25
CA GLY C 63 28.62 -17.20 23.60
C GLY C 63 28.61 -18.33 22.60
N SER C 64 27.60 -19.19 22.68
CA SER C 64 27.50 -20.34 21.79
C SER C 64 26.27 -20.33 20.89
N TYR C 65 25.17 -19.75 21.38
CA TYR C 65 23.93 -19.72 20.60
C TYR C 65 23.05 -18.56 21.00
N VAL C 66 22.35 -18.01 20.02
CA VAL C 66 21.42 -16.91 20.27
C VAL C 66 20.24 -17.06 19.32
N GLU C 67 19.07 -16.68 19.80
CA GLU C 67 17.86 -16.75 19.02
C GLU C 67 16.98 -15.60 19.46
N ALA C 68 16.30 -14.98 18.50
CA ALA C 68 15.43 -13.86 18.85
C ALA C 68 14.32 -13.66 17.83
N ARG C 69 13.10 -13.50 18.34
CA ARG C 69 11.95 -13.23 17.49
C ARG C 69 11.57 -11.80 17.85
N HIS C 70 11.60 -10.93 16.84
CA HIS C 70 11.30 -9.51 17.02
C HIS C 70 9.80 -9.28 16.86
N LEU C 71 9.11 -9.08 17.97
CA LEU C 71 7.65 -8.90 17.98
C LEU C 71 7.13 -7.49 17.83
N ALA C 72 7.82 -6.53 18.43
CA ALA C 72 7.39 -5.13 18.36
C ALA C 72 8.63 -4.25 18.23
N SER C 73 8.42 -2.96 17.98
CA SER C 73 9.53 -2.04 17.80
C SER C 73 9.83 -1.13 18.98
N ALA C 74 11.02 -0.54 18.93
CA ALA C 74 11.46 0.42 19.93
C ALA C 74 12.04 1.57 19.11
N LEU C 75 11.58 2.78 19.40
CA LEU C 75 12.04 3.95 18.67
C LEU C 75 13.24 4.61 19.33
N PRO C 76 14.07 5.31 18.53
CA PRO C 76 15.23 5.98 19.11
C PRO C 76 14.77 6.89 20.24
N GLY C 77 15.50 6.88 21.35
CA GLY C 77 15.14 7.73 22.48
C GLY C 77 14.27 7.00 23.50
N MSE C 78 13.79 5.83 23.12
CA MSE C 78 12.94 5.04 24.00
C MSE C 78 13.80 4.13 24.87
O MSE C 78 14.85 3.65 24.44
CB MSE C 78 11.99 4.19 23.12
CG MSE C 78 10.63 3.91 23.71
SE MSE C 78 9.55 2.97 22.41
CE MSE C 78 8.57 4.47 21.67
N ARG C 79 13.37 3.89 26.10
CA ARG C 79 14.10 3.01 26.99
C ARG C 79 13.78 1.58 26.62
N VAL C 80 14.74 0.68 26.81
CA VAL C 80 14.53 -0.73 26.53
C VAL C 80 15.10 -1.53 27.69
N ARG C 81 14.38 -2.56 28.10
CA ARG C 81 14.81 -3.41 29.19
C ARG C 81 14.85 -4.85 28.72
N VAL C 82 15.99 -5.50 28.91
CA VAL C 82 16.17 -6.89 28.50
C VAL C 82 16.36 -7.75 29.73
N VAL C 83 15.52 -8.78 29.85
CA VAL C 83 15.58 -9.67 31.01
C VAL C 83 15.98 -11.09 30.63
N ALA C 84 17.08 -11.56 31.21
CA ALA C 84 17.54 -12.91 30.97
C ALA C 84 17.21 -13.75 32.21
N ARG C 85 16.77 -14.98 31.98
CA ARG C 85 16.41 -15.87 33.07
C ARG C 85 17.09 -17.22 32.90
N HIS C 86 17.76 -17.69 33.94
CA HIS C 86 18.44 -18.98 33.88
C HIS C 86 17.41 -20.08 33.78
N GLU C 87 17.44 -20.81 32.68
CA GLU C 87 16.50 -21.91 32.47
C GLU C 87 17.10 -23.18 33.06
N LYS C 88 18.33 -23.50 32.66
CA LYS C 88 18.99 -24.69 33.15
C LYS C 88 20.46 -24.73 32.73
N THR C 89 21.22 -25.58 33.41
CA THR C 89 22.63 -25.75 33.10
C THR C 89 22.86 -27.24 32.90
N GLU C 90 23.45 -27.59 31.77
CA GLU C 90 23.74 -28.99 31.49
C GLU C 90 25.22 -29.09 31.18
N GLY C 91 25.95 -29.77 32.04
CA GLY C 91 27.38 -29.88 31.85
C GLY C 91 27.96 -28.48 31.99
N ASN C 92 28.71 -28.04 30.98
CA ASN C 92 29.32 -26.72 31.01
C ASN C 92 28.56 -25.74 30.13
N ARG C 93 27.30 -26.07 29.85
CA ARG C 93 26.47 -25.22 28.99
C ARG C 93 25.31 -24.60 29.78
N VAL C 94 25.25 -23.27 29.76
CA VAL C 94 24.22 -22.53 30.47
C VAL C 94 23.14 -22.02 29.52
N TYR C 95 21.90 -22.41 29.78
CA TYR C 95 20.76 -22.02 28.96
C TYR C 95 19.96 -20.91 29.63
N ALA C 96 19.66 -19.86 28.86
CA ALA C 96 18.89 -18.74 29.38
C ALA C 96 17.78 -18.33 28.42
N ARG C 97 16.65 -17.93 29.00
CA ARG C 97 15.52 -17.46 28.22
C ARG C 97 15.63 -15.95 28.33
N VAL C 98 15.35 -15.22 27.25
CA VAL C 98 15.44 -13.77 27.28
C VAL C 98 14.19 -13.13 26.70
N GLU C 99 13.83 -11.98 27.26
CA GLU C 99 12.66 -11.23 26.82
C GLU C 99 13.02 -9.74 26.89
N ALA C 100 12.54 -8.97 25.94
CA ALA C 100 12.85 -7.54 25.90
C ALA C 100 11.59 -6.71 25.80
N TYR C 101 11.58 -5.56 26.47
CA TYR C 101 10.44 -4.66 26.48
C TYR C 101 10.85 -3.25 26.14
N ASN C 102 9.93 -2.47 25.57
CA ASN C 102 10.23 -1.08 25.28
C ASN C 102 9.65 -0.25 26.41
N GLU C 103 9.86 1.06 26.34
CA GLU C 103 9.39 2.00 27.36
C GLU C 103 7.90 1.93 27.66
N LEU C 104 7.10 1.63 26.64
CA LEU C 104 5.65 1.55 26.82
C LEU C 104 5.23 0.23 27.46
N GLY C 105 6.18 -0.67 27.67
CA GLY C 105 5.87 -1.94 28.28
C GLY C 105 5.58 -3.04 27.25
N ASP C 106 5.67 -2.71 25.97
CA ASP C 106 5.40 -3.69 24.93
C ASP C 106 6.49 -4.75 24.92
N LEU C 107 6.11 -5.99 24.65
CA LEU C 107 7.08 -7.08 24.56
C LEU C 107 7.62 -6.94 23.14
N ILE C 108 8.87 -6.49 23.00
CA ILE C 108 9.44 -6.31 21.67
C ILE C 108 10.24 -7.50 21.16
N GLY C 109 10.62 -8.40 22.06
CA GLY C 109 11.37 -9.56 21.63
C GLY C 109 11.47 -10.69 22.64
N VAL C 110 11.54 -11.92 22.12
CA VAL C 110 11.67 -13.10 22.96
C VAL C 110 12.72 -13.99 22.31
N GLY C 111 13.54 -14.64 23.14
CA GLY C 111 14.56 -15.50 22.59
C GLY C 111 15.26 -16.33 23.65
N ARG C 112 16.46 -16.78 23.35
CA ARG C 112 17.22 -17.56 24.29
C ARG C 112 18.68 -17.58 23.88
N THR C 113 19.54 -17.90 24.82
CA THR C 113 20.96 -17.97 24.53
C THR C 113 21.57 -19.18 25.22
N GLU C 114 22.78 -19.52 24.76
CA GLU C 114 23.53 -20.63 25.31
C GLU C 114 24.95 -20.12 25.47
N GLN C 115 25.56 -20.40 26.61
CA GLN C 115 26.93 -19.98 26.87
C GLN C 115 27.69 -21.20 27.34
N VAL C 116 28.94 -21.30 26.95
CA VAL C 116 29.77 -22.43 27.35
C VAL C 116 30.80 -21.94 28.36
N ILE C 117 30.89 -22.64 29.48
CA ILE C 117 31.82 -22.29 30.56
C ILE C 117 33.11 -23.08 30.38
N LEU C 118 34.22 -22.38 30.28
CA LEU C 118 35.53 -23.01 30.08
C LEU C 118 36.62 -22.27 30.83
N PRO C 119 37.73 -22.95 31.13
CA PRO C 119 38.83 -22.29 31.83
C PRO C 119 39.38 -21.22 30.90
N LYS C 120 39.74 -20.06 31.43
CA LYS C 120 40.29 -18.99 30.60
C LYS C 120 41.47 -19.48 29.79
N ALA C 121 42.25 -20.40 30.35
CA ALA C 121 43.42 -20.94 29.66
C ALA C 121 42.98 -21.68 28.40
N LYS C 122 41.87 -22.40 28.50
CA LYS C 122 41.33 -23.15 27.37
C LYS C 122 40.85 -22.21 26.28
N VAL C 123 40.15 -21.15 26.67
CA VAL C 123 39.66 -20.17 25.71
C VAL C 123 40.82 -19.54 24.95
N GLU C 124 41.85 -19.12 25.70
CA GLU C 124 43.03 -18.51 25.08
C GLU C 124 43.72 -19.49 24.15
N ALA C 125 43.75 -20.76 24.54
CA ALA C 125 44.39 -21.80 23.73
C ALA C 125 43.66 -21.98 22.40
N LEU C 126 42.33 -21.88 22.44
CA LEU C 126 41.52 -22.03 21.24
C LEU C 126 41.81 -20.90 20.25
N PHE C 127 41.84 -19.67 20.75
CA PHE C 127 42.12 -18.52 19.89
C PHE C 127 43.56 -18.57 19.38
N ARG C 128 44.48 -19.04 20.22
CA ARG C 128 45.89 -19.13 19.84
C ARG C 128 46.09 -20.15 18.72
N ARG C 129 45.41 -21.28 18.82
CA ARG C 129 45.52 -22.33 17.81
C ARG C 129 45.01 -21.82 16.47
N LEU C 130 43.93 -21.05 16.49
CA LEU C 130 43.35 -20.50 15.28
C LEU C 130 44.35 -19.54 14.62
N LYS C 131 45.01 -18.72 15.43
CA LYS C 131 45.98 -17.77 14.89
C LYS C 131 47.19 -18.48 14.30
N GLU C 132 47.61 -19.58 14.93
CA GLU C 132 48.75 -20.33 14.43
C GLU C 132 48.43 -20.96 13.07
N ARG C 133 47.18 -21.42 12.93
CA ARG C 133 46.74 -22.02 11.67
C ARG C 133 46.72 -20.96 10.57
N TRP C 134 46.33 -19.74 10.95
CA TRP C 134 46.26 -18.64 10.00
C TRP C 134 47.67 -18.27 9.53
N GLU C 135 48.60 -18.17 10.47
CA GLU C 135 49.98 -17.84 10.16
C GLU C 135 50.62 -18.90 9.27
N ALA C 136 50.19 -20.15 9.44
CA ALA C 136 50.72 -21.25 8.66
C ALA C 136 50.40 -21.10 7.17
N GLU C 137 49.49 -20.20 6.84
CA GLU C 137 49.10 -19.96 5.46
C GLU C 137 49.99 -18.92 4.79
N MSE D 1 5.52 -9.60 -4.18
CA MSE D 1 6.92 -10.06 -4.43
C MSE D 1 6.95 -11.23 -5.40
O MSE D 1 6.11 -12.13 -5.32
CB MSE D 1 7.59 -10.46 -3.11
CG MSE D 1 9.02 -10.98 -3.24
SE MSE D 1 9.77 -11.62 -1.55
CE MSE D 1 8.92 -13.36 -1.50
N ARG D 2 7.90 -11.22 -6.33
CA ARG D 2 8.05 -12.31 -7.28
C ARG D 2 8.50 -13.54 -6.52
N PRO D 3 8.14 -14.74 -7.00
CA PRO D 3 8.53 -15.98 -6.31
C PRO D 3 10.04 -16.21 -6.30
N ILE D 4 10.59 -16.42 -5.11
CA ILE D 4 12.02 -16.66 -4.96
C ILE D 4 12.31 -18.13 -5.24
N PRO D 5 13.26 -18.40 -6.14
CA PRO D 5 13.63 -19.78 -6.49
C PRO D 5 14.07 -20.54 -5.23
N GLU D 6 13.74 -21.82 -5.14
CA GLU D 6 14.17 -22.59 -3.98
C GLU D 6 15.70 -22.66 -4.00
N GLY D 7 16.32 -22.43 -2.85
CA GLY D 7 17.76 -22.47 -2.78
C GLY D 7 18.48 -21.23 -3.27
N TYR D 8 17.74 -20.21 -3.69
CA TYR D 8 18.35 -18.97 -4.17
C TYR D 8 19.38 -18.50 -3.15
N GLU D 9 20.60 -18.24 -3.61
CA GLU D 9 21.68 -17.85 -2.72
C GLU D 9 22.20 -16.41 -2.84
N ALA D 10 22.43 -15.78 -1.69
CA ALA D 10 22.96 -14.43 -1.64
C ALA D 10 24.10 -14.48 -0.61
N VAL D 11 25.16 -13.73 -0.86
CA VAL D 11 26.29 -13.75 0.06
C VAL D 11 26.75 -12.38 0.48
N PHE D 12 27.37 -12.33 1.65
CA PHE D 12 27.93 -11.10 2.18
C PHE D 12 29.33 -11.43 2.66
N GLU D 13 30.32 -10.71 2.12
CA GLU D 13 31.70 -10.94 2.51
C GLU D 13 32.24 -9.71 3.20
N THR D 14 33.07 -9.94 4.22
CA THR D 14 33.66 -8.84 4.96
C THR D 14 34.98 -9.30 5.54
N VAL D 15 35.61 -8.42 6.30
CA VAL D 15 36.87 -8.71 6.97
C VAL D 15 36.63 -8.22 8.39
N VAL D 16 36.87 -9.08 9.37
CA VAL D 16 36.65 -8.71 10.76
C VAL D 16 37.46 -7.51 11.18
N THR D 17 36.77 -6.44 11.57
CA THR D 17 37.43 -5.22 12.03
C THR D 17 37.50 -5.26 13.55
N PRO D 18 38.39 -4.45 14.15
CA PRO D 18 38.52 -4.42 15.62
C PRO D 18 37.20 -4.12 16.31
N GLU D 19 36.34 -3.37 15.63
CA GLU D 19 35.04 -3.00 16.17
C GLU D 19 34.05 -4.16 16.21
N MSE D 20 34.37 -5.25 15.52
CA MSE D 20 33.47 -6.41 15.47
C MSE D 20 33.72 -7.47 16.54
O MSE D 20 33.09 -8.53 16.51
CB MSE D 20 33.54 -7.06 14.10
CG MSE D 20 33.10 -6.14 12.96
SE MSE D 20 33.16 -7.05 11.27
CE MSE D 20 32.71 -5.57 10.10
N THR D 21 34.64 -7.21 17.47
CA THR D 21 34.93 -8.18 18.52
C THR D 21 33.90 -8.07 19.64
N VAL D 22 33.85 -9.08 20.51
CA VAL D 22 32.90 -9.11 21.61
C VAL D 22 33.20 -8.02 22.63
N ARG D 23 32.34 -6.99 22.66
CA ARG D 23 32.52 -5.87 23.58
C ARG D 23 31.14 -5.37 23.97
N PHE D 24 30.86 -5.36 25.27
CA PHE D 24 29.55 -4.92 25.75
C PHE D 24 29.54 -3.62 26.53
N GLU D 25 28.36 -3.01 26.60
CA GLU D 25 28.18 -1.80 27.38
C GLU D 25 28.27 -2.32 28.81
N GLU D 26 28.78 -1.51 29.72
CA GLU D 26 28.93 -1.89 31.12
C GLU D 26 30.09 -2.86 31.38
N LEU D 27 30.14 -3.96 30.64
CA LEU D 27 31.17 -4.97 30.83
C LEU D 27 32.50 -4.69 30.12
N GLY D 28 32.44 -4.03 28.97
CA GLY D 28 33.64 -3.73 28.23
C GLY D 28 34.07 -4.89 27.34
N PRO D 29 35.34 -4.91 26.91
CA PRO D 29 35.88 -5.97 26.06
C PRO D 29 35.82 -7.34 26.73
N VAL D 30 35.38 -8.36 26.00
CA VAL D 30 35.27 -9.70 26.55
C VAL D 30 36.13 -10.72 25.79
N HIS D 31 35.96 -10.78 24.48
CA HIS D 31 36.71 -11.71 23.65
C HIS D 31 37.19 -11.04 22.36
N PRO D 32 38.46 -11.23 22.02
CA PRO D 32 39.08 -10.64 20.82
C PRO D 32 38.75 -11.40 19.53
N VAL D 33 37.48 -11.76 19.35
CA VAL D 33 37.05 -12.47 18.15
C VAL D 33 35.71 -11.94 17.67
N TYR D 34 35.40 -12.24 16.41
CA TYR D 34 34.17 -11.86 15.73
C TYR D 34 32.98 -12.22 16.63
N ALA D 35 32.20 -11.22 17.02
CA ALA D 35 31.06 -11.42 17.92
C ALA D 35 29.84 -12.08 17.28
N THR D 36 29.13 -12.86 18.09
CA THR D 36 27.94 -13.55 17.60
C THR D 36 26.92 -12.54 17.09
N TYR D 37 26.76 -11.42 17.77
CA TYR D 37 25.78 -10.43 17.34
C TYR D 37 26.19 -9.73 16.05
N TRP D 38 27.48 -9.71 15.74
CA TRP D 38 27.93 -9.12 14.48
C TRP D 38 27.65 -10.14 13.40
N MSE D 39 27.84 -11.42 13.73
CA MSE D 39 27.58 -12.49 12.77
C MSE D 39 26.08 -12.48 12.44
O MSE D 39 25.69 -12.70 11.29
CB MSE D 39 27.96 -13.85 13.36
CG MSE D 39 27.74 -15.01 12.41
SE MSE D 39 28.41 -16.69 13.11
CE MSE D 39 27.03 -17.04 14.36
N VAL D 40 25.25 -12.21 13.44
CA VAL D 40 23.81 -12.14 13.24
C VAL D 40 23.44 -10.99 12.30
N LYS D 41 24.07 -9.84 12.50
CA LYS D 41 23.81 -8.70 11.65
C LYS D 41 24.13 -9.07 10.20
N HIS D 42 25.26 -9.74 10.00
CA HIS D 42 25.68 -10.13 8.66
C HIS D 42 24.82 -11.23 8.05
N MSE D 43 24.24 -12.08 8.90
CA MSE D 43 23.36 -13.13 8.38
C MSE D 43 22.06 -12.44 7.94
O MSE D 43 21.46 -12.84 6.94
CB MSE D 43 23.06 -14.18 9.45
CG MSE D 43 24.28 -15.01 9.88
SE MSE D 43 23.82 -16.42 11.13
CE MSE D 43 25.21 -17.69 10.72
N GLU D 44 21.64 -11.42 8.68
CA GLU D 44 20.43 -10.70 8.33
C GLU D 44 20.66 -9.99 6.98
N LEU D 45 21.86 -9.43 6.83
CA LEU D 45 22.23 -8.73 5.62
C LEU D 45 22.22 -9.67 4.42
N ALA D 46 22.87 -10.84 4.57
CA ALA D 46 22.90 -11.83 3.50
C ALA D 46 21.47 -12.25 3.16
N GLY D 47 20.64 -12.42 4.18
CA GLY D 47 19.26 -12.80 3.96
C GLY D 47 18.47 -11.74 3.21
N ARG D 48 18.74 -10.47 3.52
CA ARG D 48 18.04 -9.38 2.84
C ARG D 48 18.39 -9.33 1.35
N LYS D 49 19.63 -9.68 1.02
CA LYS D 49 20.05 -9.67 -0.38
C LYS D 49 19.28 -10.71 -1.19
N ILE D 50 18.67 -11.66 -0.51
CA ILE D 50 17.88 -12.69 -1.19
C ILE D 50 16.55 -12.12 -1.69
N ILE D 51 15.92 -11.26 -0.90
CA ILE D 51 14.62 -10.72 -1.29
C ILE D 51 14.63 -9.47 -2.17
N LEU D 52 15.70 -8.68 -2.10
CA LEU D 52 15.78 -7.45 -2.88
C LEU D 52 15.47 -7.59 -4.37
N PRO D 53 16.02 -8.62 -5.05
CA PRO D 53 15.76 -8.78 -6.49
C PRO D 53 14.30 -9.08 -6.84
N PHE D 54 13.55 -9.52 -5.84
CA PHE D 54 12.16 -9.91 -6.08
C PHE D 54 11.10 -8.96 -5.56
N LEU D 55 11.49 -8.01 -4.71
CA LEU D 55 10.53 -7.06 -4.17
C LEU D 55 9.88 -6.22 -5.25
N GLU D 56 8.58 -6.03 -5.14
CA GLU D 56 7.83 -5.23 -6.09
C GLU D 56 7.65 -3.81 -5.55
N GLU D 57 7.16 -2.92 -6.42
CA GLU D 57 6.96 -1.53 -6.05
C GLU D 57 6.27 -1.30 -4.72
N GLY D 58 6.86 -0.47 -3.87
CA GLY D 58 6.28 -0.16 -2.58
C GLY D 58 6.39 -1.23 -1.52
N GLU D 59 7.01 -2.36 -1.83
CA GLU D 59 7.16 -3.43 -0.85
C GLU D 59 8.44 -3.26 -0.05
N GLU D 60 8.41 -3.76 1.19
CA GLU D 60 9.57 -3.69 2.05
C GLU D 60 9.70 -4.97 2.86
N GLY D 61 10.93 -5.26 3.28
CA GLY D 61 11.17 -6.45 4.06
C GLY D 61 11.61 -6.02 5.45
N ILE D 62 11.10 -6.70 6.47
CA ILE D 62 11.45 -6.39 7.84
C ILE D 62 11.91 -7.65 8.55
N GLY D 63 13.00 -7.55 9.31
CA GLY D 63 13.51 -8.70 10.04
C GLY D 63 12.54 -9.11 11.12
N SER D 64 12.24 -10.40 11.19
CA SER D 64 11.30 -10.91 12.18
C SER D 64 11.89 -11.96 13.13
N TYR D 65 12.84 -12.74 12.64
CA TYR D 65 13.44 -13.78 13.46
C TYR D 65 14.87 -14.12 13.03
N VAL D 66 15.72 -14.40 14.01
CA VAL D 66 17.09 -14.79 13.73
C VAL D 66 17.55 -15.79 14.79
N GLU D 67 18.39 -16.72 14.38
CA GLU D 67 18.97 -17.68 15.30
C GLU D 67 20.34 -17.98 14.73
N ALA D 68 21.31 -18.17 15.60
CA ALA D 68 22.65 -18.47 15.13
C ALA D 68 23.42 -19.27 16.18
N ARG D 69 24.09 -20.32 15.72
CA ARG D 69 24.90 -21.13 16.61
C ARG D 69 26.34 -20.84 16.19
N HIS D 70 27.13 -20.37 17.14
CA HIS D 70 28.52 -20.02 16.87
C HIS D 70 29.38 -21.27 17.11
N LEU D 71 29.85 -21.87 16.02
CA LEU D 71 30.64 -23.10 16.07
C LEU D 71 32.15 -22.94 16.17
N ALA D 72 32.68 -21.92 15.49
CA ALA D 72 34.12 -21.67 15.50
C ALA D 72 34.32 -20.17 15.48
N SER D 73 35.57 -19.73 15.61
CA SER D 73 35.84 -18.30 15.65
C SER D 73 36.50 -17.73 14.41
N ALA D 74 36.46 -16.40 14.32
CA ALA D 74 37.08 -15.65 13.25
C ALA D 74 37.85 -14.54 13.97
N LEU D 75 39.14 -14.45 13.70
CA LEU D 75 39.97 -13.44 14.35
C LEU D 75 39.93 -12.11 13.61
N PRO D 76 40.21 -11.01 14.32
CA PRO D 76 40.20 -9.70 13.67
C PRO D 76 41.18 -9.79 12.50
N GLY D 77 40.82 -9.20 11.37
CA GLY D 77 41.69 -9.25 10.21
C GLY D 77 41.37 -10.37 9.24
N MSE D 78 40.64 -11.38 9.69
CA MSE D 78 40.26 -12.50 8.83
C MSE D 78 39.06 -12.18 7.97
O MSE D 78 38.15 -11.46 8.37
CB MSE D 78 39.89 -13.73 9.66
CG MSE D 78 41.04 -14.53 10.22
SE MSE D 78 40.31 -16.21 10.91
CE MSE D 78 41.98 -17.09 11.36
N ARG D 79 39.05 -12.76 6.77
CA ARG D 79 37.93 -12.58 5.87
C ARG D 79 36.82 -13.49 6.41
N VAL D 80 35.57 -13.09 6.19
CA VAL D 80 34.43 -13.88 6.61
C VAL D 80 33.43 -13.86 5.47
N ARG D 81 32.86 -15.03 5.17
CA ARG D 81 31.90 -15.16 4.09
C ARG D 81 30.60 -15.71 4.66
N VAL D 82 29.51 -14.97 4.47
CA VAL D 82 28.20 -15.38 4.97
C VAL D 82 27.32 -15.74 3.78
N VAL D 83 26.78 -16.97 3.80
CA VAL D 83 25.95 -17.46 2.70
C VAL D 83 24.53 -17.78 3.13
N ALA D 84 23.58 -17.04 2.57
CA ALA D 84 22.16 -17.25 2.88
C ALA D 84 21.48 -17.91 1.69
N ARG D 85 20.60 -18.87 1.97
CA ARG D 85 19.89 -19.57 0.90
C ARG D 85 18.41 -19.64 1.22
N HIS D 86 17.59 -19.31 0.24
CA HIS D 86 16.15 -19.34 0.40
C HIS D 86 15.69 -20.74 0.73
N GLU D 87 15.02 -20.89 1.87
CA GLU D 87 14.52 -22.18 2.31
C GLU D 87 13.09 -22.35 1.80
N LYS D 88 12.25 -21.37 2.10
CA LYS D 88 10.85 -21.40 1.68
C LYS D 88 10.18 -20.05 1.97
N THR D 89 9.02 -19.86 1.37
CA THR D 89 8.24 -18.65 1.59
C THR D 89 6.84 -19.09 1.98
N GLU D 90 6.39 -18.62 3.13
CA GLU D 90 5.05 -18.95 3.65
C GLU D 90 4.28 -17.64 3.71
N GLY D 91 3.30 -17.47 2.82
CA GLY D 91 2.54 -16.23 2.81
C GLY D 91 3.50 -15.09 2.51
N ASN D 92 3.60 -14.13 3.43
CA ASN D 92 4.51 -13.00 3.22
C ASN D 92 5.76 -13.13 4.07
N ARG D 93 6.08 -14.35 4.48
CA ARG D 93 7.26 -14.60 5.31
C ARG D 93 8.30 -15.44 4.58
N VAL D 94 9.49 -14.86 4.42
CA VAL D 94 10.60 -15.53 3.72
C VAL D 94 11.58 -16.15 4.71
N TYR D 95 11.80 -17.46 4.55
CA TYR D 95 12.72 -18.20 5.41
C TYR D 95 14.05 -18.45 4.71
N ALA D 96 15.14 -18.25 5.44
CA ALA D 96 16.47 -18.48 4.88
C ALA D 96 17.37 -19.24 5.85
N ARG D 97 18.20 -20.11 5.31
CA ARG D 97 19.16 -20.87 6.09
C ARG D 97 20.47 -20.17 5.79
N VAL D 98 21.30 -19.97 6.81
CA VAL D 98 22.55 -19.26 6.60
C VAL D 98 23.74 -19.99 7.21
N GLU D 99 24.90 -19.84 6.58
CA GLU D 99 26.14 -20.42 7.07
C GLU D 99 27.22 -19.36 6.95
N ALA D 100 28.16 -19.36 7.90
CA ALA D 100 29.25 -18.39 7.88
C ALA D 100 30.58 -19.13 7.97
N TYR D 101 31.56 -18.68 7.19
CA TYR D 101 32.88 -19.30 7.18
C TYR D 101 33.98 -18.28 7.41
N ASN D 102 35.09 -18.70 8.00
CA ASN D 102 36.19 -17.77 8.21
C ASN D 102 37.19 -17.96 7.05
N GLU D 103 38.22 -17.14 7.03
CA GLU D 103 39.23 -17.16 5.97
C GLU D 103 39.86 -18.53 5.70
N LEU D 104 39.99 -19.35 6.73
CA LEU D 104 40.58 -20.67 6.59
C LEU D 104 39.57 -21.70 6.10
N GLY D 105 38.34 -21.27 5.91
CA GLY D 105 37.31 -22.17 5.45
C GLY D 105 36.54 -22.89 6.56
N ASP D 106 36.85 -22.56 7.81
CA ASP D 106 36.14 -23.20 8.93
C ASP D 106 34.69 -22.74 8.95
N LEU D 107 33.78 -23.63 9.30
CA LEU D 107 32.37 -23.27 9.40
C LEU D 107 32.27 -22.61 10.78
N ILE D 108 32.10 -21.30 10.83
CA ILE D 108 32.03 -20.63 12.13
C ILE D 108 30.62 -20.44 12.66
N GLY D 109 29.62 -20.61 11.80
CA GLY D 109 28.27 -20.45 12.27
C GLY D 109 27.19 -20.96 11.32
N VAL D 110 26.06 -21.34 11.91
CA VAL D 110 24.92 -21.82 11.16
C VAL D 110 23.69 -21.15 11.75
N GLY D 111 22.77 -20.70 10.90
CA GLY D 111 21.59 -20.04 11.41
C GLY D 111 20.40 -20.05 10.48
N ARG D 112 19.35 -19.34 10.88
CA ARG D 112 18.11 -19.24 10.12
C ARG D 112 17.52 -17.87 10.39
N THR D 113 16.85 -17.29 9.39
CA THR D 113 16.22 -15.99 9.58
C THR D 113 14.84 -16.00 8.94
N GLU D 114 14.00 -15.07 9.38
CA GLU D 114 12.65 -14.91 8.85
C GLU D 114 12.49 -13.42 8.57
N GLN D 115 11.98 -13.10 7.39
CA GLN D 115 11.75 -11.71 7.02
C GLN D 115 10.30 -11.62 6.59
N VAL D 116 9.63 -10.55 6.96
CA VAL D 116 8.23 -10.36 6.58
C VAL D 116 8.15 -9.26 5.52
N ILE D 117 7.39 -9.52 4.46
CA ILE D 117 7.23 -8.55 3.39
C ILE D 117 5.92 -7.80 3.58
N LEU D 118 6.02 -6.48 3.66
CA LEU D 118 4.84 -5.64 3.86
C LEU D 118 4.92 -4.37 3.02
N PRO D 119 3.77 -3.76 2.74
CA PRO D 119 3.76 -2.53 1.94
C PRO D 119 4.50 -1.46 2.75
N LYS D 120 5.29 -0.64 2.07
CA LYS D 120 6.05 0.42 2.73
C LYS D 120 5.14 1.26 3.61
N ALA D 121 3.93 1.51 3.12
CA ALA D 121 2.95 2.30 3.85
C ALA D 121 2.56 1.63 5.17
N LYS D 122 2.40 0.31 5.12
CA LYS D 122 2.03 -0.45 6.31
C LYS D 122 3.11 -0.32 7.38
N VAL D 123 4.37 -0.44 6.96
CA VAL D 123 5.50 -0.33 7.87
C VAL D 123 5.51 1.06 8.51
N GLU D 124 5.41 2.08 7.67
CA GLU D 124 5.42 3.46 8.15
C GLU D 124 4.28 3.68 9.15
N ALA D 125 3.13 3.10 8.84
CA ALA D 125 1.97 3.23 9.72
C ALA D 125 2.20 2.60 11.07
N LEU D 126 2.91 1.47 11.09
CA LEU D 126 3.19 0.79 12.35
C LEU D 126 4.12 1.63 13.22
N PHE D 127 5.15 2.21 12.61
CA PHE D 127 6.10 3.04 13.33
C PHE D 127 5.44 4.33 13.79
N ARG D 128 4.53 4.86 12.98
CA ARG D 128 3.83 6.09 13.32
C ARG D 128 2.89 5.87 14.50
N ARG D 129 2.20 4.73 14.50
CA ARG D 129 1.28 4.42 15.59
C ARG D 129 2.03 4.30 16.90
N LEU D 130 3.21 3.70 16.86
CA LEU D 130 4.04 3.53 18.05
C LEU D 130 4.47 4.89 18.58
N LYS D 131 4.84 5.78 17.67
CA LYS D 131 5.26 7.12 18.04
C LYS D 131 4.13 7.88 18.72
N GLU D 132 2.91 7.71 18.19
CA GLU D 132 1.75 8.38 18.75
C GLU D 132 1.46 7.92 20.18
N ARG D 133 1.58 6.62 20.41
CA ARG D 133 1.34 6.08 21.75
C ARG D 133 2.36 6.62 22.72
N TRP D 134 3.60 6.73 22.25
CA TRP D 134 4.68 7.23 23.09
C TRP D 134 4.45 8.68 23.48
N GLU D 135 4.04 9.50 22.51
CA GLU D 135 3.78 10.91 22.78
C GLU D 135 2.56 11.08 23.67
N ALA D 136 1.64 10.12 23.60
CA ALA D 136 0.42 10.18 24.41
C ALA D 136 0.74 10.02 25.90
N GLU D 137 2.00 9.67 26.20
CA GLU D 137 2.42 9.48 27.58
C GLU D 137 3.00 10.78 28.16
C1 EDO E . -16.32 18.63 -15.76
O1 EDO E . -16.22 19.32 -14.51
C2 EDO E . -17.78 18.27 -16.01
O2 EDO E . -17.95 17.94 -17.40
C1 EDO F . -32.62 22.43 -3.69
O1 EDO F . -32.26 23.73 -3.20
C2 EDO F . -33.49 21.71 -2.66
O2 EDO F . -34.76 21.42 -3.23
C1 EDO G . 0.75 6.62 -13.64
O1 EDO G . 1.69 6.69 -12.57
C2 EDO G . 0.10 7.98 -13.85
O2 EDO G . -0.80 8.26 -12.77
C1 EDO H . 27.72 -3.60 17.63
O1 EDO H . 27.76 -2.93 18.89
C2 EDO H . 26.30 -4.07 17.32
O2 EDO H . 26.21 -4.51 15.97
C1 EDO I . 29.20 -14.80 26.45
O1 EDO I . 29.27 -14.54 27.86
C2 EDO I . 29.70 -13.58 25.69
O2 EDO I . 28.83 -13.31 24.58
C1 EDO J . 35.18 -12.83 34.50
O1 EDO J . 36.47 -12.59 35.06
C2 EDO J . 35.33 -13.60 33.19
O2 EDO J . 36.13 -12.84 32.28
#